data_1TLR
#
_entry.id   1TLR
#
_cell.length_a   1.000
_cell.length_b   1.000
_cell.length_c   1.000
_cell.angle_alpha   90.00
_cell.angle_beta   90.00
_cell.angle_gamma   90.00
#
_symmetry.space_group_name_H-M   'P 1'
#
_entity_poly.entity_id   1
_entity_poly.type   'polyribonucleotide'
_entity_poly.pdbx_seq_one_letter_code
;GGCCUAAGACUUCGGUUAUGGCC
;
_entity_poly.pdbx_strand_id   A
#